data_6BSQ
#
_entry.id   6BSQ
#
_cell.length_a   124.709
_cell.length_b   84.625
_cell.length_c   85.093
_cell.angle_alpha   90.00
_cell.angle_beta   109.26
_cell.angle_gamma   90.00
#
_symmetry.space_group_name_H-M   'C 1 2 1'
#
loop_
_entity.id
_entity.type
_entity.pdbx_description
1 polymer 'PBP4 protein'
2 non-polymer GLYCEROL
3 non-polymer 'CHLORIDE ION'
4 water water
#
_entity_poly.entity_id   1
_entity_poly.type   'polypeptide(L)'
_entity_poly.pdbx_seq_one_letter_code
;GHMSQWQAKQELAEAKKTATTFLNVLSKQEFDKLPSVVQEASLKKNGYDTKSVVEKYQAIYSGIQAEGVKASDVQVKKAK
DNQYTFTYKLSMSTPLGEMKDLSYQSSIAKKGDTYQIAWKPSLIFPDMSGNDKISIQVDNAKRGEIVDRNGSGLAINKVF
DEVGVVPGKLGSGAEKTANIKAFSDKFGVSVDEINQKLSQGWVQADSFVPITVASEPVTELPTGAATKDTESRYYPLGEA
AAQLIGYTGTITAEDIEKNPELSSTGVIGKTGLERAFDKELRGQDGGSLVILDDKENVKKALQTKEKKDGQTIKLTIDSG
VQQQAFAIFDKRPGSAVITDPQKGDLLATVSSPSYDPNKMANGISQKEYDAYNNNKDLPFTARFATGYAPGSTFKTITGA
IGLDAGTLKPDEELEINGLKWQKDKSWGGYFATRVKEASPVNLRTALVNSDNIYFAQQTLRMGEDKFRAGLNKFIFGEEL
DLPIAMTPAQISNEDKFNSEILLADTGYGQGQLLISPIQQATMYSVFQNNGTLVYPKLVLDKETKKKDNVISANAANTIA
TDLLGSVEDPSGYVYNMYNPNFSLAAKTGTAEIKDKQDTDGKENSFLLTLDRSNNKFLTMIMVENSGENGSATDISKPLI
DYLEATIK
;
_entity_poly.pdbx_strand_id   A
#
loop_
_chem_comp.id
_chem_comp.type
_chem_comp.name
_chem_comp.formula
CL non-polymer 'CHLORIDE ION' 'Cl -1'
GOL non-polymer GLYCEROL 'C3 H8 O3'
#
# COMPACT_ATOMS: atom_id res chain seq x y z
N ASN A 140 8.72 30.22 17.69
CA ASN A 140 7.92 29.42 16.78
C ASN A 140 8.56 28.02 16.64
N ALA A 141 7.75 26.99 16.88
CA ALA A 141 8.25 25.66 17.25
C ALA A 141 8.76 24.87 16.04
N LYS A 142 9.79 24.07 16.28
CA LYS A 142 10.30 23.13 15.27
C LYS A 142 9.41 21.90 15.16
N ARG A 143 9.16 21.48 13.91
CA ARG A 143 8.26 20.37 13.65
C ARG A 143 8.91 19.06 14.07
N GLY A 144 8.16 18.19 14.75
CA GLY A 144 8.72 16.93 15.18
C GLY A 144 9.05 16.05 13.96
N GLU A 145 9.83 15.02 14.22
CA GLU A 145 10.22 14.08 13.17
C GLU A 145 9.27 12.89 13.13
N ILE A 146 9.11 12.31 11.95
CA ILE A 146 8.61 10.93 11.83
C ILE A 146 9.81 10.04 11.56
N VAL A 147 10.01 9.01 12.37
CA VAL A 147 11.15 8.10 12.23
C VAL A 147 10.65 6.66 12.11
N ASP A 148 11.53 5.78 11.56
CA ASP A 148 11.16 4.39 11.41
C ASP A 148 11.44 3.63 12.70
N ARG A 149 11.24 2.31 12.66
CA ARG A 149 11.28 1.52 13.88
C ARG A 149 12.68 1.50 14.50
N ASN A 150 13.72 1.83 13.73
CA ASN A 150 15.06 1.89 14.28
C ASN A 150 15.52 3.31 14.54
N GLY A 151 14.63 4.29 14.43
CA GLY A 151 15.01 5.68 14.60
C GLY A 151 15.47 6.40 13.35
N SER A 152 15.51 5.74 12.20
CA SER A 152 15.99 6.38 10.98
C SER A 152 14.92 7.34 10.43
N GLY A 153 15.39 8.43 9.82
CA GLY A 153 14.49 9.53 9.53
C GLY A 153 13.56 9.20 8.36
N LEU A 154 12.26 9.50 8.53
CA LEU A 154 11.29 9.46 7.42
C LEU A 154 10.79 10.84 7.03
N ALA A 155 10.57 11.73 8.01
CA ALA A 155 10.19 13.09 7.76
C ALA A 155 10.97 13.89 8.79
N ILE A 156 11.97 14.66 8.35
CA ILE A 156 12.83 15.37 9.30
C ILE A 156 13.03 16.77 8.77
N ASN A 157 13.82 17.57 9.50
CA ASN A 157 14.16 18.92 9.07
C ASN A 157 15.64 18.97 8.71
N LYS A 158 15.98 19.68 7.63
CA LYS A 158 17.38 19.84 7.27
C LYS A 158 17.58 21.26 6.77
N VAL A 159 18.69 21.88 7.16
CA VAL A 159 19.06 23.18 6.62
C VAL A 159 19.80 23.04 5.29
N PHE A 160 19.42 23.88 4.32
CA PHE A 160 20.12 24.01 3.06
C PHE A 160 20.48 25.48 2.84
N ASP A 161 21.60 25.71 2.15
CA ASP A 161 21.91 27.02 1.60
C ASP A 161 21.08 27.22 0.35
N GLU A 162 20.16 28.19 0.37
CA GLU A 162 19.23 28.39 -0.74
C GLU A 162 19.59 29.65 -1.51
N VAL A 163 19.39 29.61 -2.82
CA VAL A 163 19.35 30.85 -3.60
C VAL A 163 17.89 31.26 -3.71
N GLY A 164 17.65 32.56 -3.59
CA GLY A 164 16.29 33.07 -3.59
C GLY A 164 16.26 34.52 -3.96
N VAL A 165 15.11 35.16 -3.73
CA VAL A 165 14.90 36.55 -4.14
C VAL A 165 14.25 37.32 -3.00
N VAL A 166 14.46 38.62 -3.01
CA VAL A 166 13.83 39.56 -2.08
C VAL A 166 12.87 40.42 -2.89
N PRO A 167 11.55 40.36 -2.65
CA PRO A 167 10.60 41.11 -3.50
C PRO A 167 10.92 42.59 -3.61
N GLY A 168 11.23 43.24 -2.49
CA GLY A 168 11.53 44.67 -2.50
C GLY A 168 12.78 45.06 -3.26
N LYS A 169 13.58 44.10 -3.70
CA LYS A 169 14.75 44.41 -4.48
C LYS A 169 14.64 43.88 -5.89
N LEU A 170 13.50 43.27 -6.22
CA LEU A 170 13.31 42.67 -7.54
C LEU A 170 12.80 43.68 -8.57
N GLY A 171 12.41 44.87 -8.15
CA GLY A 171 11.89 45.87 -9.08
C GLY A 171 10.42 45.65 -9.33
N SER A 172 9.92 46.29 -10.38
CA SER A 172 8.51 46.16 -10.74
C SER A 172 8.38 46.35 -12.24
N GLY A 173 7.19 46.03 -12.74
CA GLY A 173 6.97 46.16 -14.18
C GLY A 173 7.84 45.20 -14.97
N ALA A 174 8.19 45.63 -16.18
CA ALA A 174 9.01 44.79 -17.06
C ALA A 174 10.40 44.57 -16.47
N GLU A 175 10.89 45.52 -15.68
CA GLU A 175 12.16 45.36 -15.00
C GLU A 175 12.13 44.13 -14.08
N LYS A 176 11.09 44.01 -13.25
CA LYS A 176 10.95 42.83 -12.40
C LYS A 176 10.88 41.56 -13.24
N THR A 177 10.13 41.60 -14.35
CA THR A 177 10.00 40.43 -15.21
C THR A 177 11.36 40.00 -15.77
N ALA A 178 12.21 40.97 -16.07
CA ALA A 178 13.57 40.68 -16.52
C ALA A 178 14.39 40.02 -15.42
N ASN A 179 14.35 40.58 -14.22
CA ASN A 179 15.14 40.04 -13.12
C ASN A 179 14.72 38.60 -12.80
N ILE A 180 13.43 38.31 -12.91
CA ILE A 180 12.95 36.95 -12.68
C ILE A 180 13.39 36.02 -13.80
N LYS A 181 13.36 36.51 -15.05
CA LYS A 181 13.85 35.70 -16.16
C LYS A 181 15.33 35.43 -16.04
N ALA A 182 16.12 36.43 -15.62
CA ALA A 182 17.53 36.23 -15.35
C ALA A 182 17.75 35.12 -14.32
N PHE A 183 17.09 35.24 -13.16
CA PHE A 183 17.15 34.19 -12.15
C PHE A 183 16.78 32.83 -12.74
N SER A 184 15.68 32.79 -13.50
CA SER A 184 15.20 31.53 -14.06
C SER A 184 16.24 30.91 -15.00
N ASP A 185 16.84 31.73 -15.84
CA ASP A 185 17.85 31.21 -16.77
C ASP A 185 19.03 30.63 -16.02
N LYS A 186 19.47 31.31 -14.97
CA LYS A 186 20.76 31.04 -14.37
C LYS A 186 20.73 29.90 -13.38
N PHE A 187 19.59 29.68 -12.72
CA PHE A 187 19.50 28.68 -11.66
C PHE A 187 18.54 27.54 -12.01
N GLY A 188 18.02 27.52 -13.24
CA GLY A 188 17.29 26.34 -13.71
C GLY A 188 15.91 26.13 -13.15
N VAL A 189 15.21 27.20 -12.77
CA VAL A 189 13.88 27.07 -12.22
C VAL A 189 12.90 27.85 -13.10
N SER A 190 11.67 27.35 -13.18
CA SER A 190 10.69 27.91 -14.10
C SER A 190 10.19 29.27 -13.59
N VAL A 191 9.94 30.18 -14.54
CA VAL A 191 9.36 31.47 -14.20
C VAL A 191 8.07 31.29 -13.42
N ASP A 192 7.27 30.29 -13.81
CA ASP A 192 6.00 30.07 -13.09
C ASP A 192 6.25 29.67 -11.64
N GLU A 193 7.29 28.87 -11.38
CA GLU A 193 7.57 28.49 -10.00
C GLU A 193 8.04 29.68 -9.19
N ILE A 194 8.93 30.51 -9.75
CA ILE A 194 9.38 31.71 -9.05
C ILE A 194 8.18 32.60 -8.69
N ASN A 195 7.27 32.81 -9.65
CA ASN A 195 6.10 33.66 -9.39
C ASN A 195 5.16 33.03 -8.37
N GLN A 196 4.98 31.70 -8.42
CA GLN A 196 4.13 31.06 -7.42
C GLN A 196 4.72 31.24 -6.03
N LYS A 197 6.03 31.04 -5.88
CA LYS A 197 6.66 31.26 -4.60
C LYS A 197 6.58 32.73 -4.19
N LEU A 198 6.81 33.65 -5.14
CA LEU A 198 6.71 35.08 -4.79
C LEU A 198 5.32 35.47 -4.30
N SER A 199 4.27 34.79 -4.77
CA SER A 199 2.91 35.24 -4.51
C SER A 199 2.25 34.54 -3.32
N GLN A 200 3.04 33.88 -2.47
CA GLN A 200 2.47 33.23 -1.29
C GLN A 200 2.19 34.27 -0.20
N GLY A 201 1.22 33.96 0.66
CA GLY A 201 0.70 34.96 1.58
C GLY A 201 1.71 35.49 2.58
N TRP A 202 2.68 34.66 2.99
CA TRP A 202 3.63 35.11 4.00
C TRP A 202 4.60 36.15 3.44
N VAL A 203 4.83 36.13 2.12
CA VAL A 203 5.88 36.94 1.51
C VAL A 203 5.65 38.42 1.80
N GLN A 204 6.64 39.05 2.41
CA GLN A 204 6.71 40.47 2.65
C GLN A 204 7.72 41.09 1.70
N ALA A 205 7.70 42.43 1.65
CA ALA A 205 8.63 43.15 0.79
C ALA A 205 10.08 42.82 1.13
N ASP A 206 10.40 42.65 2.40
CA ASP A 206 11.79 42.36 2.79
C ASP A 206 12.08 40.87 2.96
N SER A 207 11.12 40.00 2.64
CA SER A 207 11.30 38.57 2.85
C SER A 207 12.41 38.02 1.97
N PHE A 208 13.19 37.09 2.51
CA PHE A 208 13.98 36.22 1.66
C PHE A 208 13.06 35.10 1.22
N VAL A 209 12.88 34.94 -0.08
CA VAL A 209 12.00 33.92 -0.63
C VAL A 209 12.89 32.83 -1.24
N PRO A 210 13.03 31.66 -0.61
CA PRO A 210 13.92 30.64 -1.17
C PRO A 210 13.30 30.01 -2.40
N ILE A 211 14.13 29.80 -3.41
CA ILE A 211 13.69 29.27 -4.68
C ILE A 211 14.26 27.87 -4.91
N THR A 212 15.59 27.73 -4.81
CA THR A 212 16.22 26.44 -5.09
C THR A 212 17.54 26.35 -4.34
N VAL A 213 18.00 25.11 -4.13
CA VAL A 213 19.21 24.91 -3.35
C VAL A 213 20.42 25.44 -4.11
N ALA A 214 21.28 26.15 -3.38
CA ALA A 214 22.48 26.74 -3.94
C ALA A 214 23.55 25.68 -4.21
N VAL A 218 27.76 29.99 -6.91
CA VAL A 218 26.81 31.01 -7.33
C VAL A 218 27.54 32.10 -8.12
N THR A 219 28.14 33.04 -7.38
CA THR A 219 29.23 33.91 -7.82
C THR A 219 28.77 35.16 -8.58
N GLU A 220 27.58 35.14 -9.22
CA GLU A 220 27.18 36.34 -9.98
C GLU A 220 25.66 36.50 -9.86
N LEU A 221 25.22 37.05 -8.73
CA LEU A 221 23.80 37.09 -8.40
C LEU A 221 23.06 38.14 -9.22
N PRO A 222 22.04 37.76 -9.99
CA PRO A 222 21.21 38.76 -10.66
C PRO A 222 20.49 39.67 -9.66
N THR A 223 19.99 40.78 -10.19
CA THR A 223 19.36 41.78 -9.34
C THR A 223 18.20 41.17 -8.55
N GLY A 224 18.16 41.47 -7.25
CA GLY A 224 17.13 40.96 -6.39
C GLY A 224 17.41 39.59 -5.80
N ALA A 225 18.45 38.91 -6.27
CA ALA A 225 18.80 37.58 -5.80
C ALA A 225 19.71 37.66 -4.56
N ALA A 226 19.63 36.62 -3.74
CA ALA A 226 20.45 36.49 -2.53
C ALA A 226 20.58 34.99 -2.22
N THR A 227 21.46 34.67 -1.27
CA THR A 227 21.50 33.32 -0.71
C THR A 227 21.30 33.39 0.79
N LYS A 228 20.79 32.30 1.36
CA LYS A 228 20.51 32.28 2.78
C LYS A 228 20.28 30.83 3.20
N ASP A 229 20.72 30.50 4.42
CA ASP A 229 20.45 29.18 4.96
C ASP A 229 19.00 29.16 5.44
N THR A 230 18.25 28.14 5.03
CA THR A 230 16.88 28.04 5.48
C THR A 230 16.60 26.59 5.79
N GLU A 231 15.71 26.36 6.75
CA GLU A 231 15.33 25.02 7.16
C GLU A 231 14.23 24.49 6.23
N SER A 232 14.36 23.23 5.80
CA SER A 232 13.39 22.64 4.89
C SER A 232 12.90 21.33 5.49
N ARG A 233 11.63 20.98 5.24
CA ARG A 233 11.16 19.64 5.56
C ARG A 233 11.77 18.67 4.54
N TYR A 234 12.21 17.50 5.01
CA TYR A 234 12.99 16.65 4.13
C TYR A 234 12.64 15.17 4.35
N TYR A 235 12.52 14.43 3.26
CA TYR A 235 12.06 13.03 3.25
C TYR A 235 13.17 12.11 2.76
N PRO A 236 13.92 11.44 3.65
CA PRO A 236 15.07 10.65 3.20
C PRO A 236 14.73 9.52 2.25
N LEU A 237 13.55 8.90 2.35
CA LEU A 237 13.22 7.84 1.42
C LEU A 237 12.56 8.36 0.15
N GLY A 238 12.23 9.64 0.10
CA GLY A 238 11.72 10.24 -1.13
C GLY A 238 10.48 9.51 -1.64
N GLU A 239 10.48 9.20 -2.93
CA GLU A 239 9.31 8.58 -3.52
C GLU A 239 8.97 7.22 -2.92
N ALA A 240 9.92 6.51 -2.29
CA ALA A 240 9.60 5.14 -1.84
C ALA A 240 8.56 5.13 -0.73
N ALA A 241 8.45 6.21 0.07
CA ALA A 241 7.44 6.29 1.12
C ALA A 241 6.54 7.49 0.95
N ALA A 242 6.45 8.03 -0.27
CA ALA A 242 5.78 9.32 -0.43
C ALA A 242 4.30 9.23 -0.03
N GLN A 243 3.56 8.20 -0.48
CA GLN A 243 2.10 8.24 -0.24
C GLN A 243 1.79 7.95 1.23
N LEU A 244 2.60 7.14 1.89
CA LEU A 244 2.43 6.95 3.34
C LEU A 244 2.72 8.25 4.12
N ILE A 245 3.93 8.80 3.92
CA ILE A 245 4.42 9.86 4.79
C ILE A 245 3.77 11.18 4.41
N GLY A 246 3.57 11.40 3.13
CA GLY A 246 2.92 12.63 2.69
C GLY A 246 3.91 13.78 2.66
N TYR A 247 3.37 15.01 2.70
CA TYR A 247 4.30 16.15 2.67
C TYR A 247 3.63 17.35 3.32
N THR A 248 4.45 18.36 3.64
CA THR A 248 3.93 19.59 4.24
C THR A 248 3.79 20.67 3.19
N GLY A 249 3.13 21.75 3.59
CA GLY A 249 3.03 22.88 2.70
C GLY A 249 2.77 24.15 3.49
N THR A 250 2.77 25.27 2.78
CA THR A 250 2.55 26.54 3.43
C THR A 250 1.09 26.70 3.83
N ILE A 251 0.87 27.46 4.90
CA ILE A 251 -0.48 27.69 5.40
C ILE A 251 -1.26 28.56 4.42
N THR A 252 -2.47 28.11 4.08
CA THR A 252 -3.38 28.89 3.26
C THR A 252 -4.29 29.74 4.15
N ALA A 253 -5.03 30.64 3.50
CA ALA A 253 -6.12 31.32 4.19
C ALA A 253 -7.15 30.31 4.69
N GLU A 254 -7.49 29.32 3.86
CA GLU A 254 -8.46 28.30 4.26
C GLU A 254 -7.95 27.48 5.46
N ASP A 255 -6.63 27.24 5.52
CA ASP A 255 -6.06 26.64 6.72
C ASP A 255 -6.27 27.53 7.93
N ILE A 256 -5.93 28.82 7.78
CA ILE A 256 -6.13 29.78 8.86
C ILE A 256 -7.60 29.80 9.28
N GLU A 257 -8.51 29.67 8.30
CA GLU A 257 -9.94 29.80 8.55
C GLU A 257 -10.52 28.68 9.41
N LYS A 258 -9.80 27.58 9.61
CA LYS A 258 -10.36 26.42 10.29
C LYS A 258 -9.55 25.95 11.49
N ASN A 259 -8.53 26.70 11.91
CA ASN A 259 -7.61 26.18 12.92
C ASN A 259 -7.21 27.21 13.98
N LEU A 262 -2.41 29.77 14.27
CA LEU A 262 -1.53 29.33 13.20
C LEU A 262 -0.89 30.50 12.45
N SER A 263 0.44 30.54 12.43
CA SER A 263 1.16 31.59 11.74
C SER A 263 1.17 31.35 10.23
N SER A 264 1.23 32.45 9.48
CA SER A 264 1.31 32.33 8.02
C SER A 264 2.68 31.85 7.54
N THR A 265 3.70 31.83 8.41
CA THR A 265 5.03 31.38 8.02
C THR A 265 5.32 29.92 8.39
N GLY A 266 4.44 29.26 9.15
CA GLY A 266 4.65 27.87 9.49
C GLY A 266 4.31 26.92 8.34
N VAL A 267 4.40 25.62 8.62
CA VAL A 267 3.99 24.61 7.63
C VAL A 267 2.93 23.69 8.25
N ILE A 268 2.18 23.03 7.37
CA ILE A 268 1.13 22.11 7.78
C ILE A 268 1.18 20.89 6.88
N GLY A 269 0.94 19.71 7.45
CA GLY A 269 0.88 18.50 6.65
C GLY A 269 -0.30 18.55 5.70
N LYS A 270 -0.04 18.30 4.42
CA LYS A 270 -1.08 18.32 3.40
C LYS A 270 -1.70 16.96 3.12
N THR A 271 -0.96 15.88 3.34
CA THR A 271 -1.37 14.53 2.95
CA THR A 271 -1.46 14.55 3.03
C THR A 271 -0.70 13.54 3.88
N GLY A 272 -1.13 12.29 3.81
CA GLY A 272 -0.40 11.23 4.53
C GLY A 272 -0.27 11.48 6.02
N LEU A 273 0.78 10.85 6.60
CA LEU A 273 0.99 10.97 8.03
C LEU A 273 1.40 12.40 8.43
N GLU A 274 2.02 13.17 7.55
CA GLU A 274 2.29 14.56 7.92
C GLU A 274 0.99 15.27 8.29
N ARG A 275 -0.07 15.01 7.53
CA ARG A 275 -1.38 15.55 7.87
C ARG A 275 -2.00 14.83 9.07
N ALA A 276 -2.01 13.50 9.04
CA ALA A 276 -2.71 12.77 10.09
C ALA A 276 -2.15 13.08 11.47
N PHE A 277 -0.83 13.29 11.56
CA PHE A 277 -0.23 13.56 12.87
C PHE A 277 0.11 15.04 13.07
N ASP A 278 -0.47 15.92 12.25
CA ASP A 278 0.02 17.29 12.18
C ASP A 278 -0.03 17.97 13.54
N LYS A 279 -1.08 17.70 14.31
CA LYS A 279 -1.20 18.35 15.62
C LYS A 279 -0.08 17.95 16.55
N GLU A 280 0.31 16.67 16.54
CA GLU A 280 1.37 16.22 17.44
C GLU A 280 2.72 16.69 16.94
N LEU A 281 2.88 16.77 15.61
CA LEU A 281 4.17 17.13 15.03
C LEU A 281 4.45 18.62 15.16
N ARG A 282 3.41 19.44 15.09
CA ARG A 282 3.65 20.85 14.89
C ARG A 282 4.02 21.57 16.18
N GLY A 283 3.72 20.97 17.33
CA GLY A 283 4.05 21.62 18.58
C GLY A 283 3.20 22.87 18.80
N GLN A 284 3.78 23.81 19.53
CA GLN A 284 3.05 24.98 20.01
C GLN A 284 3.95 26.20 19.84
N ASP A 285 3.51 27.14 19.01
CA ASP A 285 4.23 28.40 18.78
C ASP A 285 4.48 29.12 20.11
N LYS A 307 9.17 27.68 24.01
CA LYS A 307 7.93 27.22 23.37
C LYS A 307 7.80 25.72 23.57
N LYS A 308 7.22 25.00 22.59
CA LYS A 308 7.15 23.54 22.68
C LYS A 308 7.29 22.95 21.28
N ASP A 309 8.51 22.48 20.95
CA ASP A 309 8.78 21.71 19.74
C ASP A 309 7.89 20.47 19.63
N GLY A 310 7.63 20.06 18.39
CA GLY A 310 6.74 18.94 18.16
C GLY A 310 7.32 17.61 18.62
N GLN A 311 6.44 16.64 18.84
CA GLN A 311 6.84 15.30 19.24
C GLN A 311 7.45 14.53 18.05
N THR A 312 8.32 13.58 18.38
CA THR A 312 8.76 12.57 17.43
C THR A 312 7.77 11.41 17.42
N ILE A 313 7.40 10.94 16.24
CA ILE A 313 6.53 9.78 16.12
CA ILE A 313 6.49 9.80 16.06
C ILE A 313 7.32 8.65 15.49
N LYS A 314 7.40 7.54 16.20
CA LYS A 314 8.18 6.40 15.75
C LYS A 314 7.24 5.33 15.18
N LEU A 315 7.46 4.96 13.91
CA LEU A 315 6.61 4.03 13.19
C LEU A 315 7.17 2.61 13.27
N THR A 316 6.34 1.63 12.84
CA THR A 316 6.73 0.24 12.67
C THR A 316 7.52 0.03 11.39
N ILE A 317 7.50 1.00 10.47
CA ILE A 317 8.15 0.87 9.18
C ILE A 317 9.63 0.57 9.36
N ASP A 318 10.14 -0.37 8.52
CA ASP A 318 11.57 -0.61 8.38
C ASP A 318 12.03 0.03 7.07
N SER A 319 12.94 1.03 7.14
CA SER A 319 13.29 1.76 5.92
C SER A 319 13.87 0.83 4.87
N GLY A 320 14.70 -0.12 5.28
CA GLY A 320 15.33 -1.01 4.30
C GLY A 320 14.32 -1.87 3.58
N VAL A 321 13.30 -2.37 4.30
CA VAL A 321 12.23 -3.14 3.66
C VAL A 321 11.40 -2.25 2.77
N GLN A 322 11.05 -1.05 3.26
CA GLN A 322 10.30 -0.10 2.42
C GLN A 322 11.01 0.17 1.12
N GLN A 323 12.34 0.38 1.17
CA GLN A 323 13.04 0.72 -0.07
C GLN A 323 13.09 -0.45 -1.02
N GLN A 324 13.34 -1.65 -0.50
CA GLN A 324 13.42 -2.82 -1.37
C GLN A 324 12.04 -3.13 -1.94
N ALA A 325 10.99 -2.98 -1.11
CA ALA A 325 9.65 -3.22 -1.61
C ALA A 325 9.23 -2.20 -2.64
N PHE A 326 9.69 -0.95 -2.52
CA PHE A 326 9.39 0.01 -3.58
C PHE A 326 10.13 -0.34 -4.86
N ALA A 327 11.41 -0.69 -4.73
CA ALA A 327 12.29 -0.84 -5.89
C ALA A 327 11.82 -1.93 -6.84
N ILE A 328 11.12 -2.97 -6.36
CA ILE A 328 10.75 -4.04 -7.30
C ILE A 328 9.78 -3.56 -8.37
N PHE A 329 9.07 -2.45 -8.16
CA PHE A 329 8.01 -2.13 -9.11
C PHE A 329 8.53 -1.51 -10.41
N ASP A 330 9.52 -0.64 -10.33
CA ASP A 330 10.07 0.05 -11.51
C ASP A 330 8.96 0.67 -12.37
N LYS A 331 8.14 1.50 -11.72
CA LYS A 331 7.06 2.30 -12.29
C LYS A 331 5.80 1.50 -12.61
N ARG A 332 5.79 0.19 -12.47
CA ARG A 332 4.53 -0.54 -12.65
C ARG A 332 3.52 -0.12 -11.58
N PRO A 333 2.24 0.03 -11.92
CA PRO A 333 1.23 0.30 -10.89
C PRO A 333 1.03 -0.93 -10.01
N GLY A 334 1.00 -0.71 -8.69
CA GLY A 334 0.76 -1.81 -7.76
C GLY A 334 1.06 -1.40 -6.34
N SER A 335 1.09 -2.39 -5.43
CA SER A 335 1.31 -2.04 -4.03
C SER A 335 1.97 -3.21 -3.33
N ALA A 336 2.55 -2.94 -2.18
CA ALA A 336 3.09 -4.04 -1.41
C ALA A 336 2.89 -3.66 0.04
N VAL A 337 2.37 -4.60 0.84
CA VAL A 337 2.22 -4.41 2.28
C VAL A 337 3.00 -5.54 2.92
N ILE A 338 3.91 -5.21 3.85
CA ILE A 338 4.70 -6.22 4.52
C ILE A 338 4.47 -6.04 6.01
N THR A 339 4.07 -7.11 6.68
CA THR A 339 3.75 -7.01 8.09
C THR A 339 4.59 -8.01 8.88
N ASP A 340 4.71 -7.73 10.17
CA ASP A 340 4.96 -8.78 11.16
C ASP A 340 3.60 -9.33 11.51
N PRO A 341 3.26 -10.56 11.07
CA PRO A 341 1.84 -10.98 11.17
C PRO A 341 1.44 -11.34 12.59
N GLN A 342 2.39 -11.65 13.46
CA GLN A 342 2.01 -11.98 14.83
C GLN A 342 1.85 -10.74 15.70
N LYS A 343 2.41 -9.61 15.32
CA LYS A 343 2.28 -8.40 16.14
C LYS A 343 1.48 -7.31 15.45
N GLY A 344 1.35 -7.42 14.14
CA GLY A 344 0.63 -6.45 13.36
C GLY A 344 1.46 -5.33 12.76
N ASP A 345 2.76 -5.21 13.11
CA ASP A 345 3.58 -4.10 12.61
C ASP A 345 3.54 -4.01 11.10
N LEU A 346 3.30 -2.80 10.59
CA LEU A 346 3.44 -2.53 9.16
C LEU A 346 4.92 -2.26 8.91
N LEU A 347 5.64 -3.23 8.37
CA LEU A 347 7.05 -3.04 8.06
C LEU A 347 7.24 -2.18 6.81
N ALA A 348 6.28 -2.21 5.88
CA ALA A 348 6.36 -1.45 4.65
C ALA A 348 4.95 -1.30 4.08
N THR A 349 4.66 -0.10 3.58
CA THR A 349 3.43 0.16 2.84
C THR A 349 3.82 0.96 1.60
N VAL A 350 3.85 0.32 0.44
CA VAL A 350 4.39 0.87 -0.79
C VAL A 350 3.27 1.02 -1.80
N SER A 351 3.32 2.12 -2.55
CA SER A 351 2.40 2.26 -3.67
C SER A 351 3.18 2.78 -4.85
N SER A 352 2.89 2.24 -6.04
CA SER A 352 3.61 2.58 -7.26
C SER A 352 2.60 2.82 -8.37
N PRO A 353 2.84 3.80 -9.26
CA PRO A 353 3.98 4.73 -9.27
C PRO A 353 3.88 5.73 -8.13
N SER A 354 4.95 6.49 -7.95
CA SER A 354 5.00 7.45 -6.87
C SER A 354 5.44 8.82 -7.35
N TYR A 355 5.76 9.70 -6.41
CA TYR A 355 6.10 11.07 -6.73
C TYR A 355 7.16 11.56 -5.75
N ASP A 356 7.75 12.71 -6.05
CA ASP A 356 8.82 13.23 -5.23
C ASP A 356 8.24 14.15 -4.15
N PRO A 357 8.23 13.74 -2.87
CA PRO A 357 7.62 14.58 -1.83
C PRO A 357 8.50 15.73 -1.39
N ASN A 358 9.81 15.64 -1.62
CA ASN A 358 10.67 16.78 -1.33
C ASN A 358 10.34 17.93 -2.28
N LYS A 359 10.06 17.64 -3.56
CA LYS A 359 9.60 18.70 -4.46
C LYS A 359 8.21 19.19 -4.09
N MET A 360 7.30 18.28 -3.73
CA MET A 360 5.95 18.72 -3.38
C MET A 360 5.98 19.63 -2.16
N ALA A 361 6.89 19.37 -1.23
CA ALA A 361 6.92 20.17 -0.02
C ALA A 361 7.66 21.48 -0.24
N ASN A 362 8.56 21.57 -1.21
CA ASN A 362 9.52 22.68 -1.24
C ASN A 362 9.64 23.42 -2.56
N GLY A 363 9.19 22.86 -3.66
CA GLY A 363 9.45 23.51 -4.94
C GLY A 363 9.22 22.57 -6.10
N ILE A 364 8.12 22.77 -6.81
CA ILE A 364 7.81 21.97 -7.99
C ILE A 364 7.26 22.88 -9.07
N SER A 365 7.74 22.71 -10.30
CA SER A 365 7.23 23.46 -11.43
C SER A 365 5.81 23.00 -11.79
N GLN A 366 5.08 23.91 -12.45
CA GLN A 366 3.75 23.58 -12.96
C GLN A 366 3.80 22.42 -13.95
N LYS A 367 4.87 22.37 -14.74
CA LYS A 367 5.08 21.25 -15.65
C LYS A 367 5.19 19.93 -14.88
N GLU A 368 6.04 19.90 -13.85
CA GLU A 368 6.28 18.67 -13.11
C GLU A 368 5.01 18.20 -12.38
N TYR A 369 4.34 19.13 -11.70
CA TYR A 369 3.09 18.78 -11.02
C TYR A 369 2.03 18.25 -11.98
N ASP A 370 1.88 18.90 -13.14
CA ASP A 370 0.92 18.42 -14.14
C ASP A 370 1.33 17.07 -14.73
N ALA A 371 2.63 16.80 -14.82
CA ALA A 371 3.07 15.46 -15.22
C ALA A 371 2.55 14.42 -14.24
N TYR A 372 2.59 14.71 -12.94
CA TYR A 372 2.04 13.78 -11.95
C TYR A 372 0.52 13.67 -12.08
N ASN A 373 -0.17 14.79 -12.28
CA ASN A 373 -1.62 14.74 -12.30
C ASN A 373 -2.16 14.13 -13.59
N ASN A 374 -1.43 14.27 -14.70
CA ASN A 374 -1.83 13.69 -15.97
C ASN A 374 -1.36 12.26 -16.16
N ASN A 375 -0.58 11.74 -15.22
CA ASN A 375 -0.17 10.35 -15.26
C ASN A 375 -1.40 9.49 -15.01
N LYS A 376 -1.83 8.75 -16.03
CA LYS A 376 -3.03 7.93 -15.90
C LYS A 376 -2.89 6.83 -14.85
N ASP A 377 -1.67 6.51 -14.41
CA ASP A 377 -1.44 5.53 -13.36
C ASP A 377 -1.51 6.14 -11.96
N LEU A 378 -1.79 7.45 -11.85
CA LEU A 378 -2.20 8.13 -10.61
C LEU A 378 -1.21 7.93 -9.46
N PRO A 379 -0.01 8.51 -9.55
CA PRO A 379 1.00 8.30 -8.50
C PRO A 379 0.61 8.89 -7.17
N PHE A 380 -0.31 9.86 -7.12
CA PHE A 380 -0.70 10.38 -5.79
C PHE A 380 -1.56 9.39 -5.00
N THR A 381 -2.15 8.39 -5.65
CA THR A 381 -3.06 7.52 -4.92
C THR A 381 -2.26 6.61 -3.98
N ALA A 382 -2.83 6.36 -2.81
CA ALA A 382 -2.23 5.43 -1.85
C ALA A 382 -2.85 4.05 -2.07
N ARG A 383 -2.25 3.27 -2.95
CA ARG A 383 -2.90 2.02 -3.36
C ARG A 383 -3.04 1.03 -2.22
N PHE A 384 -2.14 1.06 -1.24
CA PHE A 384 -2.27 0.13 -0.13
C PHE A 384 -3.51 0.41 0.73
N ALA A 385 -4.13 1.58 0.59
CA ALA A 385 -5.36 1.89 1.33
C ALA A 385 -6.59 1.90 0.45
N THR A 386 -6.47 1.50 -0.79
CA THR A 386 -7.60 1.47 -1.75
C THR A 386 -8.22 0.08 -1.82
N GLY A 387 -9.55 0.02 -1.92
CA GLY A 387 -10.24 -1.28 -2.02
C GLY A 387 -10.14 -1.93 -3.43
N TYR A 388 -9.82 -3.22 -3.46
CA TYR A 388 -9.78 -4.04 -4.68
C TYR A 388 -10.48 -5.36 -4.44
N ALA A 389 -10.91 -5.99 -5.54
CA ALA A 389 -11.18 -7.42 -5.43
C ALA A 389 -9.86 -8.10 -5.09
N PRO A 390 -9.86 -9.02 -4.12
CA PRO A 390 -8.60 -9.60 -3.68
C PRO A 390 -8.05 -10.63 -4.64
N GLY A 391 -8.85 -11.09 -5.57
CA GLY A 391 -8.37 -12.08 -6.55
C GLY A 391 -8.29 -13.46 -5.94
N SER A 392 -7.81 -14.39 -6.76
CA SER A 392 -7.87 -15.81 -6.39
C SER A 392 -6.92 -16.22 -5.25
N THR A 393 -6.05 -15.36 -4.73
CA THR A 393 -5.38 -15.61 -3.46
CA THR A 393 -5.40 -15.69 -3.47
C THR A 393 -6.40 -15.89 -2.35
N PHE A 394 -7.58 -15.28 -2.47
CA PHE A 394 -8.67 -15.39 -1.49
C PHE A 394 -9.19 -16.83 -1.34
N LYS A 395 -8.87 -17.72 -2.29
CA LYS A 395 -9.26 -19.12 -2.11
C LYS A 395 -8.73 -19.71 -0.80
N THR A 396 -7.63 -19.17 -0.29
CA THR A 396 -7.10 -19.61 1.02
C THR A 396 -8.17 -19.46 2.11
N ILE A 397 -8.83 -18.31 2.14
CA ILE A 397 -9.90 -18.05 3.12
C ILE A 397 -11.13 -18.88 2.81
N THR A 398 -11.56 -18.93 1.53
CA THR A 398 -12.67 -19.80 1.16
C THR A 398 -12.39 -21.24 1.58
N GLY A 399 -11.16 -21.71 1.39
CA GLY A 399 -10.84 -23.07 1.83
C GLY A 399 -10.86 -23.27 3.34
N ALA A 400 -10.30 -22.32 4.10
CA ALA A 400 -10.39 -22.40 5.56
C ALA A 400 -11.87 -22.43 5.99
N ILE A 401 -12.71 -21.61 5.37
CA ILE A 401 -14.12 -21.57 5.79
C ILE A 401 -14.80 -22.91 5.47
N GLY A 402 -14.49 -23.51 4.32
CA GLY A 402 -15.09 -24.79 3.99
C GLY A 402 -14.61 -25.89 4.91
N LEU A 403 -13.33 -25.86 5.29
CA LEU A 403 -12.81 -26.82 6.25
C LEU A 403 -13.57 -26.76 7.57
N ASP A 404 -13.67 -25.55 8.14
CA ASP A 404 -14.37 -25.38 9.40
C ASP A 404 -15.84 -25.72 9.28
N ALA A 405 -16.45 -25.42 8.14
CA ALA A 405 -17.87 -25.75 7.98
C ALA A 405 -18.11 -27.26 7.87
N GLY A 406 -17.08 -28.04 7.57
CA GLY A 406 -17.23 -29.48 7.46
C GLY A 406 -17.61 -29.97 6.08
N THR A 407 -17.93 -29.05 5.15
CA THR A 407 -18.32 -29.44 3.80
C THR A 407 -17.12 -29.73 2.92
N LEU A 408 -16.00 -29.08 3.17
CA LEU A 408 -14.78 -29.28 2.40
C LEU A 408 -13.94 -30.29 3.17
N LYS A 409 -13.72 -31.48 2.60
CA LYS A 409 -12.87 -32.49 3.21
C LYS A 409 -11.54 -32.47 2.50
N PRO A 410 -10.42 -32.26 3.20
CA PRO A 410 -9.15 -31.99 2.49
C PRO A 410 -8.71 -33.12 1.58
N ASP A 411 -9.01 -34.38 1.92
CA ASP A 411 -8.54 -35.49 1.10
C ASP A 411 -9.53 -35.96 0.07
N GLU A 412 -10.73 -35.39 0.05
CA GLU A 412 -11.70 -35.76 -0.98
C GLU A 412 -11.18 -35.43 -2.36
N GLU A 413 -11.29 -36.38 -3.29
CA GLU A 413 -10.78 -36.20 -4.65
C GLU A 413 -11.94 -35.83 -5.56
N LEU A 414 -12.04 -34.58 -5.97
CA LEU A 414 -13.14 -34.13 -6.84
C LEU A 414 -12.78 -34.36 -8.30
N GLU A 415 -13.73 -34.89 -9.08
CA GLU A 415 -13.51 -35.02 -10.52
C GLU A 415 -13.84 -33.71 -11.21
N ILE A 416 -12.89 -33.20 -11.96
CA ILE A 416 -13.01 -31.92 -12.65
C ILE A 416 -12.33 -32.04 -14.01
N ASN A 417 -13.10 -31.92 -15.08
CA ASN A 417 -12.60 -32.10 -16.43
C ASN A 417 -12.73 -30.82 -17.21
N GLY A 418 -11.70 -30.46 -17.95
CA GLY A 418 -11.84 -29.27 -18.76
C GLY A 418 -11.31 -28.04 -18.05
N LEU A 419 -11.37 -26.91 -18.75
CA LEU A 419 -10.87 -25.63 -18.25
C LEU A 419 -11.99 -24.72 -17.81
N LYS A 420 -13.24 -25.14 -17.98
CA LYS A 420 -14.31 -24.26 -17.51
C LYS A 420 -15.47 -25.10 -17.01
N TRP A 421 -16.23 -24.49 -16.12
CA TRP A 421 -17.33 -25.19 -15.47
C TRP A 421 -18.40 -24.19 -15.09
N GLN A 422 -19.66 -24.59 -15.23
CA GLN A 422 -20.79 -23.83 -14.71
C GLN A 422 -21.76 -24.83 -14.10
N LYS A 423 -22.53 -24.39 -13.10
CA LYS A 423 -23.40 -25.34 -12.41
C LYS A 423 -24.42 -25.97 -13.37
N ASP A 424 -25.05 -25.16 -14.21
CA ASP A 424 -26.03 -25.62 -15.20
C ASP A 424 -26.25 -24.47 -16.16
N LYS A 425 -27.23 -24.62 -17.06
CA LYS A 425 -27.41 -23.67 -18.15
C LYS A 425 -27.92 -22.31 -17.71
N SER A 426 -28.55 -22.20 -16.54
CA SER A 426 -28.98 -20.90 -16.03
C SER A 426 -27.84 -19.92 -15.85
N TRP A 427 -26.59 -20.40 -15.85
CA TRP A 427 -25.46 -19.49 -15.82
C TRP A 427 -25.19 -18.85 -17.17
N GLY A 428 -25.81 -19.35 -18.24
CA GLY A 428 -25.61 -18.76 -19.54
C GLY A 428 -24.19 -18.85 -20.05
N GLY A 429 -23.58 -17.71 -20.32
CA GLY A 429 -22.20 -17.64 -20.77
C GLY A 429 -21.18 -17.46 -19.66
N TYR A 430 -21.57 -17.60 -18.40
CA TYR A 430 -20.61 -17.45 -17.32
C TYR A 430 -20.06 -18.80 -16.88
N PHE A 431 -18.75 -18.87 -16.69
CA PHE A 431 -18.08 -20.10 -16.30
C PHE A 431 -16.99 -19.75 -15.31
N ALA A 432 -16.85 -20.57 -14.27
CA ALA A 432 -15.59 -20.57 -13.53
C ALA A 432 -14.52 -21.25 -14.42
N THR A 433 -13.29 -20.72 -14.40
CA THR A 433 -12.24 -21.23 -15.26
C THR A 433 -11.01 -21.56 -14.43
N ARG A 434 -10.18 -22.45 -14.96
CA ARG A 434 -8.90 -22.75 -14.34
C ARG A 434 -7.88 -22.80 -15.45
N VAL A 435 -6.61 -22.76 -15.07
CA VAL A 435 -5.54 -22.69 -16.07
C VAL A 435 -5.07 -24.05 -16.54
N LYS A 436 -4.96 -25.04 -15.65
CA LYS A 436 -4.43 -26.34 -16.07
C LYS A 436 -5.41 -27.48 -15.82
N GLU A 437 -5.48 -28.39 -16.79
CA GLU A 437 -6.23 -29.62 -16.67
C GLU A 437 -5.55 -30.53 -15.65
N ALA A 438 -6.34 -31.06 -14.73
CA ALA A 438 -5.90 -31.92 -13.63
C ALA A 438 -7.14 -32.58 -13.05
N SER A 439 -7.07 -33.88 -12.82
CA SER A 439 -8.16 -34.54 -12.15
C SER A 439 -7.67 -35.89 -11.64
N PRO A 440 -8.13 -36.33 -10.48
CA PRO A 440 -9.03 -35.61 -9.57
C PRO A 440 -8.27 -34.53 -8.77
N VAL A 441 -8.99 -33.68 -8.05
CA VAL A 441 -8.46 -32.48 -7.39
C VAL A 441 -8.86 -32.55 -5.91
N ASN A 442 -7.87 -32.54 -5.02
CA ASN A 442 -8.14 -32.36 -3.59
C ASN A 442 -7.76 -30.93 -3.18
N LEU A 443 -7.85 -30.63 -1.87
CA LEU A 443 -7.64 -29.24 -1.43
C LEU A 443 -6.20 -28.79 -1.71
N ARG A 444 -5.24 -29.65 -1.41
CA ARG A 444 -3.84 -29.31 -1.63
C ARG A 444 -3.53 -29.06 -3.12
N THR A 445 -3.96 -29.96 -4.01
CA THR A 445 -3.64 -29.67 -5.41
C THR A 445 -4.43 -28.48 -5.95
N ALA A 446 -5.64 -28.24 -5.44
CA ALA A 446 -6.39 -27.08 -5.91
C ALA A 446 -5.69 -25.78 -5.49
N LEU A 447 -5.12 -25.74 -4.27
CA LEU A 447 -4.40 -24.53 -3.86
C LEU A 447 -3.13 -24.33 -4.68
N VAL A 448 -2.37 -25.40 -4.93
CA VAL A 448 -1.09 -25.24 -5.64
C VAL A 448 -1.31 -25.02 -7.15
N ASN A 449 -2.38 -25.62 -7.74
CA ASN A 449 -2.77 -25.40 -9.13
C ASN A 449 -3.55 -24.10 -9.35
N SER A 450 -3.91 -23.36 -8.29
CA SER A 450 -4.89 -22.24 -8.36
C SER A 450 -6.16 -22.64 -9.15
N ASP A 451 -6.83 -23.71 -8.72
CA ASP A 451 -8.00 -24.26 -9.45
C ASP A 451 -9.27 -23.52 -9.00
N ASN A 452 -9.71 -22.52 -9.77
CA ASN A 452 -10.93 -21.79 -9.43
C ASN A 452 -12.18 -22.67 -9.47
N ILE A 453 -12.20 -23.68 -10.33
CA ILE A 453 -13.40 -24.51 -10.45
C ILE A 453 -13.64 -25.26 -9.16
N TYR A 454 -12.57 -25.83 -8.60
CA TYR A 454 -12.67 -26.56 -7.35
C TYR A 454 -13.26 -25.66 -6.27
N PHE A 455 -12.80 -24.42 -6.21
CA PHE A 455 -13.32 -23.54 -5.17
C PHE A 455 -14.70 -23.03 -5.48
N ALA A 456 -15.03 -22.78 -6.76
CA ALA A 456 -16.42 -22.47 -7.10
C ALA A 456 -17.34 -23.58 -6.61
N GLN A 457 -17.00 -24.83 -6.91
CA GLN A 457 -17.83 -25.97 -6.49
C GLN A 457 -17.95 -26.07 -4.96
N GLN A 458 -16.85 -25.86 -4.23
CA GLN A 458 -16.88 -25.94 -2.77
C GLN A 458 -17.69 -24.80 -2.15
N THR A 459 -17.71 -23.65 -2.84
CA THR A 459 -18.50 -22.50 -2.34
C THR A 459 -19.97 -22.77 -2.53
N LEU A 460 -20.35 -23.30 -3.70
CA LEU A 460 -21.74 -23.73 -3.88
C LEU A 460 -22.10 -24.87 -2.95
N ARG A 461 -21.19 -25.81 -2.73
CA ARG A 461 -21.47 -26.90 -1.78
C ARG A 461 -21.77 -26.38 -0.35
N MET A 462 -20.93 -25.51 0.18
CA MET A 462 -21.24 -25.04 1.54
C MET A 462 -22.49 -24.16 1.56
N GLY A 463 -22.73 -23.38 0.51
CA GLY A 463 -23.90 -22.52 0.42
C GLY A 463 -23.65 -21.16 1.05
N GLU A 464 -24.52 -20.22 0.70
CA GLU A 464 -24.34 -18.82 1.11
C GLU A 464 -24.28 -18.68 2.62
N ASP A 465 -25.17 -19.36 3.35
CA ASP A 465 -25.20 -19.16 4.81
C ASP A 465 -23.89 -19.58 5.47
N LYS A 466 -23.39 -20.78 5.14
CA LYS A 466 -22.13 -21.22 5.72
C LYS A 466 -20.96 -20.35 5.26
N PHE A 467 -20.99 -19.91 3.99
CA PHE A 467 -19.90 -19.08 3.46
C PHE A 467 -19.88 -17.71 4.15
N ARG A 468 -21.03 -17.04 4.21
CA ARG A 468 -21.08 -15.75 4.90
C ARG A 468 -20.78 -15.89 6.40
N ALA A 469 -21.26 -16.97 7.05
CA ALA A 469 -20.94 -17.14 8.47
C ALA A 469 -19.42 -17.11 8.70
N GLY A 470 -18.67 -17.80 7.83
CA GLY A 470 -17.21 -17.73 7.89
C GLY A 470 -16.66 -16.35 7.53
N LEU A 471 -17.13 -15.74 6.43
CA LEU A 471 -16.60 -14.45 6.01
C LEU A 471 -16.85 -13.40 7.10
N ASN A 472 -17.95 -13.54 7.80
CA ASN A 472 -18.37 -12.50 8.74
C ASN A 472 -17.47 -12.46 9.95
N LYS A 473 -16.71 -13.52 10.22
CA LYS A 473 -15.74 -13.39 11.30
C LYS A 473 -14.50 -12.58 10.93
N PHE A 474 -14.29 -12.28 9.65
CA PHE A 474 -13.13 -11.47 9.25
C PHE A 474 -13.54 -10.00 9.44
N ILE A 475 -12.75 -9.05 9.00
CA ILE A 475 -13.05 -7.70 9.49
C ILE A 475 -13.91 -6.88 8.52
N PHE A 476 -14.75 -7.54 7.73
CA PHE A 476 -15.63 -6.80 6.82
C PHE A 476 -16.49 -5.82 7.61
N GLY A 477 -16.66 -4.62 7.07
CA GLY A 477 -17.43 -3.55 7.72
C GLY A 477 -16.67 -2.75 8.75
N GLU A 478 -15.53 -3.22 9.21
CA GLU A 478 -14.88 -2.57 10.36
C GLU A 478 -14.00 -1.40 9.95
N GLU A 479 -14.18 -0.24 10.60
CA GLU A 479 -13.17 0.83 10.50
C GLU A 479 -12.00 0.41 11.38
N LEU A 480 -10.76 0.67 10.94
CA LEU A 480 -9.61 0.28 11.76
C LEU A 480 -9.02 1.48 12.47
N ASP A 481 -8.39 1.23 13.62
CA ASP A 481 -7.75 2.26 14.44
C ASP A 481 -6.49 2.92 13.78
N LEU A 482 -6.10 2.45 12.62
CA LEU A 482 -4.88 2.89 11.95
C LEU A 482 -4.96 4.32 11.44
N PRO A 483 -3.86 5.09 11.50
CA PRO A 483 -3.94 6.48 11.00
C PRO A 483 -3.89 6.60 9.48
N ILE A 484 -4.26 5.57 8.74
CA ILE A 484 -4.37 5.63 7.28
C ILE A 484 -5.86 5.53 6.93
N ALA A 485 -6.40 6.52 6.22
CA ALA A 485 -7.84 6.52 5.91
C ALA A 485 -8.18 5.40 4.92
N MET A 486 -9.26 4.64 5.19
CA MET A 486 -9.64 3.54 4.32
C MET A 486 -11.15 3.31 4.44
N THR A 487 -11.74 2.84 3.36
CA THR A 487 -13.13 2.36 3.41
C THR A 487 -13.15 0.94 3.99
N PRO A 488 -14.04 0.62 4.94
CA PRO A 488 -14.13 -0.76 5.44
C PRO A 488 -14.35 -1.75 4.30
N ALA A 489 -13.72 -2.93 4.42
CA ALA A 489 -13.88 -3.99 3.42
C ALA A 489 -15.35 -4.41 3.30
N GLN A 490 -15.73 -4.88 2.11
CA GLN A 490 -17.11 -5.35 1.92
C GLN A 490 -17.07 -6.69 1.22
N ILE A 491 -18.01 -7.56 1.58
CA ILE A 491 -18.19 -8.84 0.89
C ILE A 491 -18.87 -8.64 -0.46
N SER A 492 -19.98 -7.90 -0.45
CA SER A 492 -20.72 -7.66 -1.69
C SER A 492 -21.52 -6.38 -1.49
N ASN A 493 -22.19 -5.93 -2.57
CA ASN A 493 -22.91 -4.65 -2.47
C ASN A 493 -24.14 -4.76 -1.58
N GLU A 494 -24.78 -5.92 -1.53
CA GLU A 494 -26.01 -6.13 -0.77
CA GLU A 494 -25.99 -6.11 -0.74
C GLU A 494 -25.80 -7.21 0.28
N ASP A 495 -26.77 -7.32 1.20
CA ASP A 495 -26.67 -8.32 2.27
C ASP A 495 -26.76 -9.74 1.74
N LYS A 496 -27.39 -9.95 0.60
CA LYS A 496 -27.49 -11.28 -0.01
C LYS A 496 -26.89 -11.23 -1.39
N PHE A 497 -26.35 -12.38 -1.85
CA PHE A 497 -25.77 -12.40 -3.20
C PHE A 497 -26.86 -12.29 -4.27
N ASN A 498 -28.00 -12.97 -4.08
CA ASN A 498 -29.08 -12.96 -5.06
C ASN A 498 -28.61 -13.42 -6.46
N SER A 499 -27.70 -14.39 -6.49
CA SER A 499 -27.06 -14.85 -7.71
C SER A 499 -26.09 -15.98 -7.37
N GLU A 500 -26.31 -17.19 -7.90
CA GLU A 500 -25.37 -18.29 -7.70
C GLU A 500 -24.01 -17.94 -8.30
N ILE A 501 -24.01 -17.19 -9.43
CA ILE A 501 -22.74 -16.82 -10.05
C ILE A 501 -21.92 -15.92 -9.13
N LEU A 502 -22.58 -14.91 -8.53
CA LEU A 502 -21.87 -14.02 -7.61
C LEU A 502 -21.37 -14.77 -6.38
N LEU A 503 -22.20 -15.67 -5.84
CA LEU A 503 -21.74 -16.52 -4.74
C LEU A 503 -20.46 -17.27 -5.14
N ALA A 504 -20.49 -17.99 -6.26
CA ALA A 504 -19.31 -18.75 -6.68
C ALA A 504 -18.10 -17.85 -6.90
N ASP A 505 -18.29 -16.73 -7.61
CA ASP A 505 -17.20 -15.84 -7.96
C ASP A 505 -16.55 -15.26 -6.73
N THR A 506 -17.34 -14.97 -5.69
CA THR A 506 -16.82 -14.50 -4.43
C THR A 506 -15.96 -15.55 -3.76
N GLY A 507 -16.27 -16.83 -4.02
CA GLY A 507 -15.45 -17.92 -3.49
C GLY A 507 -14.02 -17.89 -3.98
N TYR A 508 -13.74 -17.30 -5.16
CA TYR A 508 -12.35 -17.22 -5.58
C TYR A 508 -11.94 -15.77 -5.80
N GLY A 509 -12.53 -14.87 -4.98
CA GLY A 509 -11.95 -13.55 -4.78
C GLY A 509 -12.36 -12.54 -5.80
N GLN A 510 -13.41 -12.79 -6.56
CA GLN A 510 -13.87 -11.86 -7.59
C GLN A 510 -15.16 -11.20 -7.09
N GLY A 511 -16.17 -11.05 -7.96
CA GLY A 511 -17.44 -10.49 -7.55
C GLY A 511 -17.30 -9.07 -7.06
N GLN A 512 -18.04 -8.77 -5.99
CA GLN A 512 -18.16 -7.44 -5.42
C GLN A 512 -17.33 -7.29 -4.13
N LEU A 513 -16.40 -8.21 -3.88
CA LEU A 513 -15.45 -8.06 -2.79
C LEU A 513 -14.63 -6.80 -2.98
N LEU A 514 -14.50 -5.96 -1.95
CA LEU A 514 -13.55 -4.85 -2.00
C LEU A 514 -12.74 -4.87 -0.72
N ILE A 515 -11.42 -5.05 -0.83
CA ILE A 515 -10.56 -5.20 0.36
C ILE A 515 -9.26 -4.47 0.05
N SER A 516 -8.84 -3.55 0.91
CA SER A 516 -7.56 -2.87 0.59
C SER A 516 -6.39 -3.80 0.85
N PRO A 517 -5.22 -3.52 0.25
CA PRO A 517 -4.05 -4.36 0.59
C PRO A 517 -3.79 -4.46 2.10
N ILE A 518 -4.01 -3.39 2.86
CA ILE A 518 -3.71 -3.50 4.29
C ILE A 518 -4.73 -4.42 4.97
N GLN A 519 -6.00 -4.31 4.54
CA GLN A 519 -7.02 -5.18 5.07
C GLN A 519 -6.78 -6.61 4.66
N GLN A 520 -6.34 -6.81 3.41
CA GLN A 520 -5.98 -8.17 2.97
C GLN A 520 -4.90 -8.80 3.84
N ALA A 521 -3.78 -8.07 4.05
CA ALA A 521 -2.71 -8.59 4.89
C ALA A 521 -3.21 -8.91 6.28
N THR A 522 -4.14 -8.09 6.80
CA THR A 522 -4.76 -8.37 8.10
C THR A 522 -5.57 -9.67 8.06
N MET A 523 -6.43 -9.82 7.06
CA MET A 523 -7.23 -11.05 7.00
C MET A 523 -6.34 -12.27 6.84
N TYR A 524 -5.28 -12.16 6.02
CA TYR A 524 -4.46 -13.35 5.84
C TYR A 524 -3.58 -13.66 7.04
N SER A 525 -3.53 -12.76 8.05
CA SER A 525 -2.71 -13.07 9.22
C SER A 525 -3.21 -14.29 9.97
N VAL A 526 -4.44 -14.75 9.72
CA VAL A 526 -4.90 -15.92 10.47
C VAL A 526 -4.04 -17.14 10.15
N PHE A 527 -3.40 -17.19 8.98
CA PHE A 527 -2.66 -18.41 8.65
C PHE A 527 -1.33 -18.53 9.42
N GLN A 528 -0.83 -17.45 10.02
CA GLN A 528 0.38 -17.55 10.83
C GLN A 528 0.12 -17.41 12.33
N ASN A 529 -1.11 -17.35 12.75
CA ASN A 529 -1.45 -17.21 14.17
C ASN A 529 -2.45 -18.26 14.62
N ASN A 530 -2.43 -19.44 13.98
CA ASN A 530 -3.31 -20.54 14.35
C ASN A 530 -4.78 -20.11 14.35
N GLY A 531 -5.15 -19.20 13.41
CA GLY A 531 -6.55 -18.84 13.22
C GLY A 531 -6.95 -17.55 13.89
N THR A 532 -6.06 -16.96 14.68
CA THR A 532 -6.28 -15.63 15.23
C THR A 532 -5.88 -14.56 14.23
N LEU A 533 -6.70 -13.54 14.12
CA LEU A 533 -6.39 -12.42 13.25
C LEU A 533 -5.70 -11.31 14.06
N VAL A 534 -4.66 -10.72 13.50
CA VAL A 534 -3.90 -9.67 14.20
C VAL A 534 -4.08 -8.36 13.45
N TYR A 535 -4.62 -7.34 14.14
CA TYR A 535 -4.88 -6.03 13.51
C TYR A 535 -3.56 -5.34 13.18
N PRO A 536 -3.55 -4.54 12.14
CA PRO A 536 -2.31 -3.85 11.75
C PRO A 536 -2.05 -2.69 12.70
N LYS A 537 -0.77 -2.36 12.87
CA LYS A 537 -0.42 -1.18 13.63
C LYS A 537 0.73 -0.50 12.92
N LEU A 538 0.75 0.83 13.00
CA LEU A 538 1.78 1.64 12.36
C LEU A 538 2.64 2.43 13.35
N VAL A 539 2.14 2.70 14.55
CA VAL A 539 2.91 3.42 15.56
C VAL A 539 3.57 2.35 16.43
N LEU A 540 4.91 2.41 16.55
CA LEU A 540 5.63 1.27 17.10
C LEU A 540 5.18 0.93 18.52
N ASP A 541 4.86 1.93 19.33
CA ASP A 541 4.55 1.60 20.71
C ASP A 541 3.08 1.29 20.94
N LYS A 542 2.28 1.19 19.88
CA LYS A 542 0.89 0.77 20.08
C LYS A 542 0.80 -0.69 20.57
N GLU A 543 -0.13 -0.95 21.48
CA GLU A 543 -0.37 -2.32 21.93
C GLU A 543 -0.92 -3.17 20.78
N THR A 544 -0.44 -4.39 20.68
CA THR A 544 -0.98 -5.35 19.71
C THR A 544 -2.43 -5.70 20.04
N LYS A 545 -3.27 -5.82 19.00
CA LYS A 545 -4.70 -6.13 19.15
CA LYS A 545 -4.70 -6.13 19.15
CA LYS A 545 -4.70 -6.13 19.15
C LYS A 545 -5.07 -7.29 18.24
N LYS A 546 -5.95 -8.17 18.73
CA LYS A 546 -6.25 -9.39 17.98
C LYS A 546 -7.75 -9.65 17.95
N LYS A 547 -8.17 -10.51 17.00
CA LYS A 547 -9.52 -11.07 17.00
C LYS A 547 -9.38 -12.59 17.02
N ASP A 548 -9.83 -13.20 18.11
CA ASP A 548 -9.52 -14.59 18.38
C ASP A 548 -10.40 -15.50 17.54
N ASN A 549 -9.83 -16.64 17.12
CA ASN A 549 -10.60 -17.77 16.56
CA ASN A 549 -10.60 -17.76 16.57
C ASN A 549 -11.42 -17.34 15.35
N VAL A 550 -10.79 -16.60 14.44
CA VAL A 550 -11.47 -16.22 13.21
C VAL A 550 -11.68 -17.46 12.33
N ILE A 551 -10.66 -18.33 12.26
CA ILE A 551 -10.78 -19.69 11.73
C ILE A 551 -10.16 -20.61 12.77
N SER A 552 -10.43 -21.91 12.62
CA SER A 552 -9.83 -22.86 13.55
C SER A 552 -8.32 -22.98 13.32
N ALA A 553 -7.60 -23.44 14.34
CA ALA A 553 -6.17 -23.66 14.19
C ALA A 553 -5.93 -24.75 13.15
N ASN A 554 -6.75 -25.80 13.18
CA ASN A 554 -6.60 -26.86 12.20
C ASN A 554 -6.69 -26.33 10.78
N ALA A 555 -7.69 -25.47 10.52
CA ALA A 555 -7.87 -24.93 9.17
C ALA A 555 -6.69 -24.03 8.79
N ALA A 556 -6.26 -23.18 9.73
CA ALA A 556 -5.13 -22.29 9.46
C ALA A 556 -3.91 -23.09 9.08
N ASN A 557 -3.60 -24.14 9.86
CA ASN A 557 -2.35 -24.84 9.65
C ASN A 557 -2.43 -25.78 8.48
N THR A 558 -3.64 -26.26 8.16
CA THR A 558 -3.81 -27.13 7.00
C THR A 558 -3.53 -26.36 5.72
N ILE A 559 -4.12 -25.16 5.63
CA ILE A 559 -3.92 -24.28 4.49
C ILE A 559 -2.47 -23.83 4.42
N ALA A 560 -1.89 -23.37 5.54
CA ALA A 560 -0.51 -22.89 5.51
C ALA A 560 0.44 -23.98 5.05
N THR A 561 0.23 -25.22 5.51
CA THR A 561 1.11 -26.31 5.07
C THR A 561 0.93 -26.57 3.58
N ASP A 562 -0.32 -26.60 3.10
CA ASP A 562 -0.54 -26.80 1.67
C ASP A 562 0.18 -25.72 0.84
N LEU A 563 0.19 -24.49 1.32
CA LEU A 563 0.80 -23.40 0.55
C LEU A 563 2.34 -23.48 0.47
N LEU A 564 2.98 -24.29 1.29
CA LEU A 564 4.40 -24.52 1.06
C LEU A 564 4.64 -25.12 -0.32
N GLY A 565 3.68 -25.85 -0.89
CA GLY A 565 3.87 -26.49 -2.20
C GLY A 565 4.00 -25.49 -3.36
N SER A 566 3.42 -24.29 -3.21
CA SER A 566 3.54 -23.25 -4.23
CA SER A 566 3.56 -23.29 -4.26
C SER A 566 5.01 -22.88 -4.44
N VAL A 567 5.80 -22.97 -3.38
CA VAL A 567 7.22 -22.59 -3.40
C VAL A 567 8.12 -23.82 -3.59
N GLU A 568 7.74 -24.95 -3.00
CA GLU A 568 8.65 -26.09 -2.92
C GLU A 568 8.42 -27.12 -4.03
N ASP A 569 7.22 -27.19 -4.58
CA ASP A 569 7.00 -28.12 -5.71
C ASP A 569 7.65 -27.53 -6.96
N PRO A 570 8.40 -28.32 -7.73
CA PRO A 570 9.02 -27.74 -8.94
C PRO A 570 8.02 -27.19 -9.93
N SER A 571 6.78 -27.68 -9.95
CA SER A 571 5.70 -27.09 -10.74
C SER A 571 4.91 -26.00 -10.02
N GLY A 572 5.28 -25.66 -8.80
CA GLY A 572 4.59 -24.57 -8.11
C GLY A 572 4.87 -23.25 -8.81
N TYR A 573 3.89 -22.34 -8.74
CA TYR A 573 4.03 -21.06 -9.43
C TYR A 573 5.10 -20.17 -8.81
N VAL A 574 5.56 -20.48 -7.59
CA VAL A 574 6.53 -19.65 -6.87
C VAL A 574 7.82 -20.43 -6.63
N TYR A 575 8.03 -21.52 -7.39
CA TYR A 575 9.26 -22.31 -7.23
C TYR A 575 10.50 -21.51 -7.58
N ASN A 576 10.36 -20.43 -8.35
CA ASN A 576 11.49 -19.54 -8.60
C ASN A 576 12.11 -19.00 -7.31
N MET A 577 11.35 -18.95 -6.22
CA MET A 577 11.81 -18.44 -4.95
C MET A 577 12.20 -19.55 -3.98
N TYR A 578 12.18 -20.81 -4.42
CA TYR A 578 12.47 -21.89 -3.47
C TYR A 578 13.85 -21.67 -2.84
N ASN A 579 13.94 -21.88 -1.54
CA ASN A 579 15.18 -21.78 -0.78
C ASN A 579 15.16 -23.02 0.10
N PRO A 580 16.09 -23.96 -0.09
CA PRO A 580 16.05 -25.20 0.72
C PRO A 580 16.24 -24.93 2.21
N ASN A 581 16.75 -23.77 2.57
CA ASN A 581 17.01 -23.46 3.97
C ASN A 581 15.96 -22.54 4.58
N PHE A 582 14.80 -22.33 3.93
CA PHE A 582 13.80 -21.46 4.54
C PHE A 582 12.41 -22.02 4.23
N SER A 583 11.47 -21.88 5.17
CA SER A 583 10.13 -22.43 5.00
C SER A 583 9.22 -21.26 4.62
N LEU A 584 8.89 -21.16 3.34
CA LEU A 584 8.07 -20.06 2.81
C LEU A 584 6.85 -20.65 2.16
N ALA A 585 5.67 -20.24 2.63
CA ALA A 585 4.41 -20.60 1.97
C ALA A 585 3.98 -19.44 1.09
N ALA A 586 3.27 -19.73 -0.01
CA ALA A 586 2.86 -18.61 -0.86
C ALA A 586 1.55 -18.94 -1.56
N LYS A 587 0.89 -17.90 -2.04
CA LYS A 587 -0.28 -18.13 -2.88
C LYS A 587 -0.33 -17.00 -3.90
N THR A 588 -0.24 -17.34 -5.19
CA THR A 588 -0.46 -16.35 -6.23
C THR A 588 -1.95 -16.21 -6.48
N GLY A 589 -2.33 -15.16 -7.20
CA GLY A 589 -3.74 -15.02 -7.51
C GLY A 589 -3.89 -14.02 -8.63
N THR A 590 -5.07 -14.02 -9.24
CA THR A 590 -5.40 -13.03 -10.25
CA THR A 590 -5.41 -13.04 -10.25
C THR A 590 -6.86 -12.59 -10.07
N ALA A 591 -7.14 -11.38 -10.52
CA ALA A 591 -8.51 -10.86 -10.51
C ALA A 591 -8.75 -10.30 -11.90
N GLU A 592 -9.90 -10.60 -12.47
CA GLU A 592 -10.27 -10.06 -13.78
C GLU A 592 -11.28 -8.93 -13.57
N ILE A 593 -10.98 -7.76 -14.12
CA ILE A 593 -11.81 -6.58 -13.93
C ILE A 593 -12.29 -6.06 -15.27
N LYS A 594 -13.56 -5.66 -15.32
CA LYS A 594 -14.14 -5.09 -16.54
C LYS A 594 -13.56 -3.70 -16.82
N GLY A 601 -11.25 -5.98 -20.88
CA GLY A 601 -10.95 -6.30 -19.49
C GLY A 601 -9.47 -6.25 -19.12
N LYS A 602 -9.20 -6.11 -17.82
CA LYS A 602 -7.84 -6.10 -17.32
C LYS A 602 -7.71 -7.12 -16.18
N GLU A 603 -6.48 -7.50 -15.90
CA GLU A 603 -6.19 -8.44 -14.82
C GLU A 603 -5.25 -7.78 -13.83
N ASN A 604 -5.47 -8.06 -12.56
CA ASN A 604 -4.49 -7.73 -11.52
C ASN A 604 -3.88 -9.03 -11.01
N SER A 605 -2.61 -8.96 -10.66
CA SER A 605 -1.89 -10.15 -10.22
C SER A 605 -1.45 -9.96 -8.78
N PHE A 606 -1.48 -11.05 -8.01
CA PHE A 606 -1.25 -10.97 -6.56
C PHE A 606 -0.24 -12.00 -6.14
N LEU A 607 0.52 -11.69 -5.10
CA LEU A 607 1.29 -12.71 -4.41
C LEU A 607 1.18 -12.48 -2.90
N LEU A 608 0.78 -13.52 -2.17
CA LEU A 608 0.87 -13.60 -0.72
C LEU A 608 2.03 -14.54 -0.36
N THR A 609 2.96 -14.11 0.51
CA THR A 609 3.89 -15.10 1.10
C THR A 609 3.83 -15.02 2.61
N LEU A 610 4.14 -16.17 3.25
CA LEU A 610 4.10 -16.36 4.69
C LEU A 610 5.43 -16.96 5.10
N ASP A 611 6.16 -16.24 5.94
CA ASP A 611 7.34 -16.81 6.63
C ASP A 611 6.88 -17.93 7.54
N ARG A 612 7.17 -19.19 7.24
CA ARG A 612 6.73 -20.27 8.11
C ARG A 612 7.91 -20.87 8.89
N SER A 613 9.10 -20.33 8.67
CA SER A 613 10.24 -20.70 9.50
C SER A 613 10.11 -20.03 10.86
N ASN A 614 9.82 -18.73 10.88
CA ASN A 614 9.71 -18.02 12.16
C ASN A 614 8.50 -17.13 12.30
N ASN A 615 7.62 -17.07 11.29
CA ASN A 615 6.38 -16.28 11.34
C ASN A 615 6.66 -14.80 11.66
N LYS A 616 7.75 -14.28 11.10
CA LYS A 616 8.13 -12.90 11.32
C LYS A 616 7.72 -11.94 10.22
N PHE A 617 7.36 -12.44 9.04
CA PHE A 617 6.86 -11.53 7.99
C PHE A 617 5.75 -12.19 7.18
N LEU A 618 4.94 -11.33 6.57
CA LEU A 618 3.93 -11.74 5.61
C LEU A 618 4.01 -10.67 4.54
N THR A 619 3.92 -11.07 3.26
CA THR A 619 3.93 -10.06 2.21
C THR A 619 2.65 -10.13 1.41
N MET A 620 2.08 -8.97 1.06
CA MET A 620 0.90 -8.91 0.19
C MET A 620 1.27 -7.97 -0.94
N ILE A 621 1.44 -8.51 -2.16
CA ILE A 621 1.99 -7.76 -3.29
C ILE A 621 0.96 -7.82 -4.40
N MET A 622 0.78 -6.71 -5.10
CA MET A 622 -0.16 -6.71 -6.22
C MET A 622 0.44 -5.87 -7.34
N VAL A 623 0.27 -6.34 -8.57
CA VAL A 623 0.62 -5.58 -9.79
C VAL A 623 -0.65 -5.39 -10.58
N GLU A 624 -1.00 -4.13 -10.87
CA GLU A 624 -2.21 -3.83 -11.66
C GLU A 624 -1.94 -4.04 -13.14
N ASN A 625 -3.00 -4.40 -13.88
CA ASN A 625 -2.91 -4.54 -15.34
C ASN A 625 -1.77 -5.48 -15.71
N SER A 626 -1.84 -6.69 -15.13
CA SER A 626 -0.73 -7.59 -15.28
C SER A 626 -0.63 -8.14 -16.71
N GLY A 627 -1.67 -8.01 -17.52
CA GLY A 627 -1.49 -8.29 -18.95
C GLY A 627 -0.38 -7.47 -19.59
N GLU A 628 -0.23 -6.21 -19.18
CA GLU A 628 0.89 -5.38 -19.65
C GLU A 628 2.09 -5.42 -18.72
N ASN A 629 1.86 -5.53 -17.41
CA ASN A 629 2.90 -5.24 -16.44
C ASN A 629 3.54 -6.48 -15.84
N GLY A 630 3.07 -7.67 -16.23
CA GLY A 630 3.63 -8.91 -15.70
C GLY A 630 3.02 -9.20 -14.34
N SER A 631 3.45 -10.31 -13.74
CA SER A 631 2.85 -10.82 -12.52
C SER A 631 3.57 -10.28 -11.27
N ALA A 632 2.88 -10.35 -10.12
CA ALA A 632 3.55 -10.06 -8.85
C ALA A 632 4.72 -11.01 -8.61
N THR A 633 4.54 -12.31 -8.89
CA THR A 633 5.65 -13.24 -8.68
C THR A 633 6.83 -12.90 -9.58
N ASP A 634 6.57 -12.35 -10.77
CA ASP A 634 7.68 -12.02 -11.68
C ASP A 634 8.65 -11.00 -11.08
N ILE A 635 8.20 -10.11 -10.19
CA ILE A 635 9.08 -9.06 -9.69
C ILE A 635 9.44 -9.22 -8.23
N SER A 636 8.83 -10.18 -7.50
CA SER A 636 8.94 -10.12 -6.06
C SER A 636 10.13 -10.88 -5.49
N LYS A 637 10.88 -11.68 -6.26
CA LYS A 637 11.89 -12.50 -5.59
C LYS A 637 12.95 -11.69 -4.82
N PRO A 638 13.45 -10.54 -5.31
CA PRO A 638 14.41 -9.77 -4.48
C PRO A 638 13.83 -9.37 -3.13
N LEU A 639 12.53 -9.05 -3.11
CA LEU A 639 11.94 -8.67 -1.81
C LEU A 639 11.86 -9.87 -0.89
N ILE A 640 11.46 -11.03 -1.41
CA ILE A 640 11.39 -12.24 -0.59
C ILE A 640 12.80 -12.59 -0.11
N ASP A 641 13.79 -12.59 -1.02
CA ASP A 641 15.17 -12.89 -0.62
C ASP A 641 15.65 -11.93 0.49
N TYR A 642 15.35 -10.65 0.35
CA TYR A 642 15.75 -9.66 1.36
C TYR A 642 15.13 -9.97 2.73
N LEU A 643 13.84 -10.30 2.76
CA LEU A 643 13.13 -10.60 3.99
C LEU A 643 13.65 -11.87 4.65
N GLU A 644 13.92 -12.92 3.86
CA GLU A 644 14.43 -14.15 4.48
C GLU A 644 15.77 -13.93 5.16
N ALA A 645 16.60 -13.03 4.61
CA ALA A 645 17.89 -12.71 5.20
C ALA A 645 17.79 -11.69 6.35
N THR A 646 16.81 -10.79 6.31
CA THR A 646 16.77 -9.63 7.18
C THR A 646 15.78 -9.81 8.33
N ILE A 647 14.52 -10.09 8.00
CA ILE A 647 13.48 -10.29 9.02
C ILE A 647 13.45 -11.77 9.48
N LYS A 648 13.84 -12.69 8.60
CA LYS A 648 14.11 -14.10 8.95
C LYS A 648 12.86 -14.82 9.38
C1 GOL B . 15.69 21.74 -0.25
O1 GOL B . 14.35 22.20 -0.28
C2 GOL B . 15.84 20.63 -1.35
O2 GOL B . 17.13 20.12 -1.44
C3 GOL B . 14.89 19.56 -0.94
O3 GOL B . 13.65 20.10 -1.21
C1 GOL C . 3.08 -20.97 15.27
O1 GOL C . 3.01 -19.56 15.20
C2 GOL C . 1.93 -21.51 14.39
O2 GOL C . 1.55 -20.62 13.40
C3 GOL C . 2.47 -22.81 13.82
O3 GOL C . 1.39 -23.45 13.23
CL CL D . 7.43 5.61 -9.76
CL CL E . -1.17 2.46 14.73
CL CL F . 0.57 -20.22 -5.99
#